data_1VFF
#
_entry.id   1VFF
#
_cell.length_a   122.560
_cell.length_b   61.170
_cell.length_c   73.740
_cell.angle_alpha   90.00
_cell.angle_beta   92.47
_cell.angle_gamma   90.00
#
_symmetry.space_group_name_H-M   'C 1 2 1'
#
loop_
_entity.id
_entity.type
_entity.pdbx_description
1 polymer beta-glucosidase
2 water water
#
_entity_poly.entity_id   1
_entity_poly.type   'polypeptide(L)'
_entity_poly.pdbx_seq_one_letter_code
;MPLKFPEMFLFGTATSSHQIEGNNRWNDWWYYEQIGKLPYRSGKACNHWELYRDDIQLMTSLGYNAYRFSIEWSRLFPEE
NKFNEDAFMKYREIIDLLLTRGITPLVTLHHFTSPLWFMKKGGFLREENLKHWEKYIEKVAELLEKVKLVATFNEPMVYV
MMGYLTAYWPPFIRSPFKAFKVAANLLKAHAIAYELLHGKFKVGIVKNIPIILPASDKERDRKAAEKADNLFNWHFLDAI
WSGKYRGVFKTYRIPQSDADFIGVNYYTASEVRHTWNPLKFFFEVKLADISERKTQMGWSVYPKGIYMALKKASRYGRPL
YITENGIATLDDEWRVEFIIQHLQYVHKAIEDGLDVRGYFYWSFMDNYEWKEGFGPRFGLVEVDYQTFERRPRKSAYVYG
EIARSKEIKDELLKRYGLPELQL
;
_entity_poly.pdbx_strand_id   A
#
# COMPACT_ATOMS: atom_id res chain seq x y z
N MET A 1 -31.42 -10.99 4.77
CA MET A 1 -30.12 -11.34 5.43
C MET A 1 -28.96 -10.37 5.13
N PRO A 2 -28.30 -9.88 6.18
CA PRO A 2 -27.18 -8.97 5.94
C PRO A 2 -25.93 -9.77 5.59
N LEU A 3 -24.98 -9.10 4.96
CA LEU A 3 -23.71 -9.68 4.57
C LEU A 3 -22.89 -9.58 5.85
N LYS A 4 -22.58 -10.71 6.45
CA LYS A 4 -21.87 -10.69 7.72
C LYS A 4 -20.39 -11.04 7.64
N PHE A 5 -19.61 -10.32 8.42
CA PHE A 5 -18.18 -10.55 8.45
C PHE A 5 -17.82 -11.09 9.81
N PRO A 6 -16.72 -11.82 9.91
CA PRO A 6 -16.32 -12.37 11.21
C PRO A 6 -16.09 -11.26 12.24
N GLU A 7 -16.31 -11.59 13.49
CA GLU A 7 -16.13 -10.66 14.62
C GLU A 7 -14.75 -10.01 14.67
N MET A 8 -13.72 -10.84 14.50
CA MET A 8 -12.33 -10.40 14.54
C MET A 8 -11.87 -9.71 13.25
N PHE A 9 -12.75 -9.58 12.26
CA PHE A 9 -12.37 -8.92 11.01
C PHE A 9 -12.02 -7.45 11.25
N LEU A 10 -11.03 -6.97 10.51
CA LEU A 10 -10.60 -5.60 10.66
C LEU A 10 -11.18 -4.72 9.55
N PHE A 11 -11.77 -3.61 9.97
CA PHE A 11 -12.33 -2.65 9.04
C PHE A 11 -11.55 -1.37 9.32
N GLY A 12 -10.55 -1.09 8.49
CA GLY A 12 -9.75 0.08 8.74
C GLY A 12 -9.59 0.97 7.56
N THR A 13 -8.74 1.97 7.76
CA THR A 13 -8.40 2.95 6.75
C THR A 13 -6.88 3.02 6.76
N ALA A 14 -6.29 3.55 5.68
CA ALA A 14 -4.84 3.59 5.57
C ALA A 14 -4.31 4.94 5.06
N THR A 15 -3.09 5.25 5.44
CA THR A 15 -2.43 6.49 5.04
C THR A 15 -0.95 6.11 5.01
N SER A 16 -0.06 7.01 4.61
CA SER A 16 1.34 6.67 4.73
C SER A 16 1.88 7.64 5.77
N SER A 17 2.87 8.45 5.44
CA SER A 17 3.37 9.36 6.45
C SER A 17 3.74 10.61 5.71
N HIS A 18 4.33 10.45 4.52
CA HIS A 18 4.71 11.60 3.72
C HIS A 18 3.47 12.25 3.11
N GLN A 19 2.48 11.42 2.83
CA GLN A 19 1.23 11.88 2.22
C GLN A 19 0.31 12.67 3.17
N ILE A 20 0.33 12.35 4.47
CA ILE A 20 -0.54 13.03 5.42
C ILE A 20 0.18 13.92 6.42
N GLU A 21 1.31 13.46 6.98
CA GLU A 21 2.05 14.28 7.93
C GLU A 21 2.54 15.51 7.18
N GLY A 22 2.74 16.63 7.86
CA GLY A 22 3.25 17.75 7.12
C GLY A 22 4.77 17.86 7.24
N ASN A 23 5.35 18.86 6.60
CA ASN A 23 6.79 19.12 6.62
C ASN A 23 7.74 17.94 6.94
N ASN A 24 7.81 16.99 6.03
CA ASN A 24 8.72 15.86 6.16
C ASN A 24 9.95 16.35 5.40
N ARG A 25 10.77 17.16 6.08
CA ARG A 25 11.96 17.78 5.48
C ARG A 25 13.16 16.91 5.19
N TRP A 26 13.24 15.74 5.81
CA TRP A 26 14.40 14.88 5.66
C TRP A 26 14.40 13.74 4.65
N ASN A 27 13.32 13.58 3.88
CA ASN A 27 13.32 12.47 2.92
C ASN A 27 13.65 12.91 1.49
N ASP A 28 13.85 11.94 0.61
CA ASP A 28 14.19 12.25 -0.77
C ASP A 28 13.10 12.98 -1.57
N TRP A 29 11.83 12.68 -1.30
CA TRP A 29 10.73 13.36 -1.99
C TRP A 29 10.73 14.85 -1.68
N TRP A 30 10.81 15.18 -0.39
CA TRP A 30 10.79 16.58 0.01
C TRP A 30 11.81 17.34 -0.80
N TYR A 31 13.00 16.77 -0.89
CA TYR A 31 14.08 17.40 -1.62
C TYR A 31 13.73 17.68 -3.05
N TYR A 32 13.30 16.67 -3.79
CA TYR A 32 12.99 16.89 -5.19
C TYR A 32 11.76 17.75 -5.39
N GLU A 33 10.89 17.79 -4.39
CA GLU A 33 9.70 18.61 -4.46
C GLU A 33 10.23 20.04 -4.44
N GLN A 34 11.00 20.37 -3.40
CA GLN A 34 11.59 21.68 -3.26
C GLN A 34 12.42 22.24 -4.42
N ILE A 35 13.14 21.40 -5.16
CA ILE A 35 13.92 21.93 -6.29
C ILE A 35 13.10 21.90 -7.55
N GLY A 36 11.87 21.42 -7.43
CA GLY A 36 10.98 21.35 -8.58
C GLY A 36 11.29 20.29 -9.61
N LYS A 37 11.81 19.13 -9.20
CA LYS A 37 12.14 18.12 -10.19
C LYS A 37 10.92 17.33 -10.72
N LEU A 38 10.43 16.34 -9.97
CA LEU A 38 9.27 15.51 -10.40
C LEU A 38 8.82 14.43 -9.35
N PRO A 39 8.40 14.86 -8.16
CA PRO A 39 8.23 16.17 -7.54
C PRO A 39 8.06 17.43 -8.38
N TYR A 40 6.78 17.75 -8.65
CA TYR A 40 6.36 18.94 -9.39
C TYR A 40 5.09 19.53 -8.70
N ARG A 41 4.96 19.20 -7.42
CA ARG A 41 3.91 19.64 -6.50
C ARG A 41 4.65 19.46 -5.19
N SER A 42 4.30 20.20 -4.16
CA SER A 42 4.97 20.05 -2.86
C SER A 42 3.92 19.68 -1.80
N GLY A 43 4.32 19.56 -0.53
CA GLY A 43 3.37 19.26 0.54
C GLY A 43 3.66 19.86 1.92
N LYS A 44 2.65 19.76 2.78
CA LYS A 44 2.66 20.17 4.20
C LYS A 44 1.47 19.33 4.61
N ALA A 45 1.07 18.55 3.59
CA ALA A 45 -0.01 17.57 3.58
C ALA A 45 -1.25 17.94 4.36
N CYS A 46 -1.69 17.01 5.19
CA CYS A 46 -2.90 17.20 5.98
C CYS A 46 -2.49 17.71 7.35
N ASN A 47 -1.21 18.02 7.48
CA ASN A 47 -0.68 18.50 8.74
C ASN A 47 -1.08 17.54 9.86
N HIS A 48 -1.08 16.25 9.52
CA HIS A 48 -1.42 15.22 10.47
C HIS A 48 -0.40 15.20 11.61
N TRP A 49 0.82 15.65 11.34
CA TRP A 49 1.85 15.66 12.36
C TRP A 49 1.43 16.59 13.54
N GLU A 50 0.56 17.56 13.26
CA GLU A 50 0.07 18.46 14.30
C GLU A 50 -1.30 18.02 14.82
N LEU A 51 -2.18 17.67 13.90
CA LEU A 51 -3.57 17.27 14.23
C LEU A 51 -3.83 15.80 14.51
N TYR A 52 -2.80 14.98 14.65
CA TYR A 52 -3.04 13.56 14.85
C TYR A 52 -4.04 13.18 15.96
N ARG A 53 -4.01 13.91 17.07
CA ARG A 53 -4.94 13.62 18.17
C ARG A 53 -6.39 13.70 17.70
N ASP A 54 -6.67 14.71 16.90
CA ASP A 54 -8.01 14.90 16.37
C ASP A 54 -8.36 13.83 15.33
N ASP A 55 -7.46 13.56 14.39
CA ASP A 55 -7.71 12.55 13.37
C ASP A 55 -8.01 11.20 14.02
N ILE A 56 -7.31 10.90 15.11
CA ILE A 56 -7.53 9.62 15.76
C ILE A 56 -8.90 9.61 16.44
N GLN A 57 -9.28 10.73 17.03
CA GLN A 57 -10.57 10.84 17.70
C GLN A 57 -11.67 10.67 16.65
N LEU A 58 -11.54 11.40 15.55
CA LEU A 58 -12.50 11.32 14.45
C LEU A 58 -12.67 9.86 13.97
N MET A 59 -11.52 9.21 13.82
CA MET A 59 -11.39 7.82 13.39
C MET A 59 -12.16 6.90 14.36
N THR A 60 -11.98 7.17 15.66
CA THR A 60 -12.65 6.41 16.70
C THR A 60 -14.11 6.77 16.66
N SER A 61 -14.42 8.01 16.30
CA SER A 61 -15.82 8.41 16.20
C SER A 61 -16.61 7.71 15.11
N LEU A 62 -16.01 7.49 13.93
CA LEU A 62 -16.70 6.82 12.82
C LEU A 62 -16.88 5.30 13.01
N GLY A 63 -16.12 4.73 13.94
CA GLY A 63 -16.31 3.31 14.20
C GLY A 63 -15.34 2.34 13.56
N TYR A 64 -14.22 2.85 13.06
CA TYR A 64 -13.18 2.03 12.42
C TYR A 64 -12.39 1.41 13.56
N ASN A 65 -12.10 0.11 13.46
CA ASN A 65 -11.37 -0.59 14.51
C ASN A 65 -9.93 -0.93 14.11
N ALA A 66 -9.40 -0.23 13.12
CA ALA A 66 -8.05 -0.47 12.61
C ALA A 66 -7.55 0.73 11.83
N TYR A 67 -6.25 0.92 11.85
CA TYR A 67 -5.63 2.03 11.16
C TYR A 67 -4.27 1.59 10.62
N ARG A 68 -4.06 1.67 9.30
CA ARG A 68 -2.78 1.28 8.74
C ARG A 68 -2.05 2.56 8.40
N PHE A 69 -0.86 2.70 8.97
CA PHE A 69 -0.07 3.90 8.73
C PHE A 69 1.43 3.56 8.72
N SER A 70 2.25 4.52 8.36
CA SER A 70 3.63 4.22 8.31
C SER A 70 4.53 5.15 9.11
N ILE A 71 5.66 4.57 9.49
CA ILE A 71 6.65 5.31 10.24
C ILE A 71 7.62 5.93 9.26
N GLU A 72 7.88 7.22 9.42
CA GLU A 72 8.83 7.92 8.55
C GLU A 72 10.26 7.73 9.08
N TRP A 73 11.02 6.89 8.41
CA TRP A 73 12.39 6.61 8.79
C TRP A 73 13.25 7.90 8.86
N SER A 74 13.09 8.80 7.88
CA SER A 74 13.86 10.04 7.82
C SER A 74 13.60 10.94 9.02
N ARG A 75 12.49 10.72 9.71
CA ARG A 75 12.21 11.51 10.89
C ARG A 75 13.07 10.97 12.02
N LEU A 76 13.12 9.65 12.15
CA LEU A 76 13.92 9.02 13.20
C LEU A 76 15.43 9.16 12.98
N PHE A 77 15.83 9.50 11.76
CA PHE A 77 17.24 9.65 11.43
C PHE A 77 17.35 10.68 10.33
N PRO A 78 17.21 11.97 10.71
CA PRO A 78 17.27 13.13 9.80
C PRO A 78 18.59 13.07 9.01
N GLU A 79 19.66 12.69 9.70
CA GLU A 79 20.94 12.56 9.05
C GLU A 79 21.68 11.31 9.56
N GLU A 80 22.77 10.95 8.88
CA GLU A 80 23.60 9.76 9.17
C GLU A 80 23.35 9.01 10.49
N ASN A 81 24.01 9.36 11.59
CA ASN A 81 23.72 8.59 12.80
C ASN A 81 23.12 9.43 13.93
N LYS A 82 22.40 10.48 13.54
CA LYS A 82 21.73 11.38 14.46
C LYS A 82 20.29 10.91 14.74
N PHE A 83 20.07 10.20 15.84
CA PHE A 83 18.73 9.74 16.21
C PHE A 83 17.90 10.95 16.62
N ASN A 84 16.58 10.78 16.70
CA ASN A 84 15.70 11.87 17.10
C ASN A 84 14.66 11.32 18.07
N GLU A 85 14.69 11.80 19.31
CA GLU A 85 13.76 11.32 20.32
C GLU A 85 12.34 11.88 20.18
N ASP A 86 12.22 13.08 19.64
CA ASP A 86 10.90 13.70 19.49
C ASP A 86 10.00 12.90 18.58
N ALA A 87 10.51 12.57 17.41
CA ALA A 87 9.78 11.79 16.43
C ALA A 87 9.39 10.46 17.07
N PHE A 88 10.37 9.83 17.73
CA PHE A 88 10.18 8.55 18.42
C PHE A 88 9.01 8.57 19.39
N MET A 89 9.06 9.48 20.35
CA MET A 89 8.00 9.56 21.35
C MET A 89 6.65 9.93 20.72
N LYS A 90 6.67 10.73 19.67
CA LYS A 90 5.43 11.13 19.02
C LYS A 90 4.72 9.95 18.35
N TYR A 91 5.46 9.14 17.60
CA TYR A 91 4.86 7.96 16.98
C TYR A 91 4.43 7.03 18.10
N ARG A 92 5.28 6.90 19.11
CA ARG A 92 4.98 6.05 20.25
C ARG A 92 3.64 6.53 20.84
N GLU A 93 3.48 7.85 20.90
CA GLU A 93 2.30 8.47 21.42
C GLU A 93 1.11 8.13 20.53
N ILE A 94 1.27 8.31 19.22
CA ILE A 94 0.21 7.97 18.28
C ILE A 94 -0.27 6.53 18.48
N ILE A 95 0.68 5.62 18.73
CA ILE A 95 0.38 4.20 18.93
C ILE A 95 -0.45 3.99 20.18
N ASP A 96 -0.13 4.71 21.26
CA ASP A 96 -0.89 4.59 22.52
C ASP A 96 -2.33 5.00 22.34
N LEU A 97 -2.51 6.16 21.74
CA LEU A 97 -3.84 6.66 21.47
C LEU A 97 -4.65 5.56 20.81
N LEU A 98 -4.17 5.08 19.65
CA LEU A 98 -4.84 4.01 18.90
C LEU A 98 -5.23 2.86 19.80
N LEU A 99 -4.30 2.39 20.61
CA LEU A 99 -4.59 1.26 21.49
C LEU A 99 -5.63 1.57 22.58
N THR A 100 -5.45 2.70 23.28
CA THR A 100 -6.40 3.06 24.33
C THR A 100 -7.79 3.26 23.76
N ARG A 101 -7.86 3.56 22.46
CA ARG A 101 -9.15 3.76 21.78
C ARG A 101 -9.60 2.49 21.05
N GLY A 102 -8.93 1.37 21.27
CA GLY A 102 -9.33 0.12 20.60
C GLY A 102 -9.11 -0.08 19.08
N ILE A 103 -8.23 0.73 18.49
CA ILE A 103 -7.93 0.64 17.06
C ILE A 103 -6.66 -0.18 16.81
N THR A 104 -6.80 -1.35 16.19
CA THR A 104 -5.67 -2.20 15.90
C THR A 104 -4.73 -1.57 14.85
N PRO A 105 -3.48 -1.28 15.22
CA PRO A 105 -2.62 -0.68 14.19
C PRO A 105 -1.92 -1.72 13.32
N LEU A 106 -1.59 -1.31 12.10
CA LEU A 106 -0.83 -2.15 11.19
C LEU A 106 0.17 -1.13 10.65
N VAL A 107 1.42 -1.31 11.05
CA VAL A 107 2.47 -0.37 10.68
C VAL A 107 3.36 -0.75 9.50
N THR A 108 3.55 0.20 8.59
CA THR A 108 4.42 -0.04 7.44
C THR A 108 5.75 0.63 7.80
N LEU A 109 6.85 -0.09 7.70
CA LEU A 109 8.18 0.47 8.02
C LEU A 109 8.75 1.33 6.90
N HIS A 110 8.34 1.04 5.68
CA HIS A 110 8.84 1.81 4.53
C HIS A 110 7.72 1.96 3.52
N HIS A 111 7.41 3.21 3.19
CA HIS A 111 6.36 3.51 2.23
C HIS A 111 6.84 4.59 1.26
N PHE A 112 7.59 4.14 0.26
CA PHE A 112 8.19 4.96 -0.81
C PHE A 112 9.25 6.02 -0.46
N THR A 113 9.17 6.67 0.70
CA THR A 113 10.17 7.69 1.03
C THR A 113 11.32 7.20 1.86
N SER A 114 12.51 7.74 1.61
CA SER A 114 13.71 7.34 2.35
C SER A 114 14.44 8.60 2.78
N PRO A 115 15.33 8.51 3.80
CA PRO A 115 16.12 9.65 4.30
C PRO A 115 17.01 10.15 3.15
N LEU A 116 17.12 11.46 2.95
CA LEU A 116 17.94 11.97 1.85
C LEU A 116 19.37 11.41 1.89
N TRP A 117 19.97 11.44 3.07
CA TRP A 117 21.32 10.99 3.24
C TRP A 117 21.51 9.55 2.78
N PHE A 118 20.48 8.74 3.04
CA PHE A 118 20.48 7.35 2.63
C PHE A 118 20.50 7.26 1.09
N MET A 119 19.65 8.05 0.46
CA MET A 119 19.55 8.05 -1.00
C MET A 119 20.82 8.57 -1.65
N LYS A 120 21.44 9.55 -1.01
CA LYS A 120 22.68 10.13 -1.49
C LYS A 120 23.77 9.07 -1.55
N LYS A 121 23.67 8.06 -0.68
CA LYS A 121 24.62 6.95 -0.70
C LYS A 121 24.19 5.91 -1.72
N GLY A 122 23.14 6.22 -2.50
CA GLY A 122 22.67 5.27 -3.51
C GLY A 122 21.49 4.39 -3.09
N GLY A 123 21.00 4.59 -1.86
CA GLY A 123 19.85 3.84 -1.38
C GLY A 123 19.93 2.33 -1.38
N PHE A 124 18.87 1.67 -1.85
CA PHE A 124 18.81 0.22 -1.86
C PHE A 124 19.50 -0.36 -3.10
N LEU A 125 20.11 0.51 -3.87
CA LEU A 125 20.86 0.08 -5.04
C LEU A 125 22.18 -0.56 -4.54
N ARG A 126 22.64 -0.07 -3.40
CA ARG A 126 23.92 -0.47 -2.84
C ARG A 126 23.71 -1.29 -1.59
N GLU A 127 23.96 -2.59 -1.70
CA GLU A 127 23.78 -3.54 -0.61
C GLU A 127 24.45 -3.20 0.73
N GLU A 128 25.54 -2.45 0.68
CA GLU A 128 26.23 -2.04 1.88
C GLU A 128 25.33 -1.11 2.70
N ASN A 129 24.47 -0.35 2.03
CA ASN A 129 23.57 0.56 2.71
C ASN A 129 22.55 -0.17 3.57
N LEU A 130 22.49 -1.48 3.41
CA LEU A 130 21.59 -2.29 4.19
C LEU A 130 21.93 -2.23 5.66
N LYS A 131 23.15 -1.75 6.00
CA LYS A 131 23.54 -1.64 7.42
C LYS A 131 22.73 -0.51 8.05
N HIS A 132 22.41 0.50 7.26
CA HIS A 132 21.63 1.61 7.75
C HIS A 132 20.21 1.14 8.01
N TRP A 133 19.70 0.33 7.09
CA TRP A 133 18.35 -0.19 7.23
C TRP A 133 18.28 -0.99 8.54
N GLU A 134 19.30 -1.81 8.78
CA GLU A 134 19.44 -2.61 9.99
C GLU A 134 19.33 -1.74 11.28
N LYS A 135 20.03 -0.59 11.28
CA LYS A 135 19.99 0.30 12.46
C LYS A 135 18.57 0.80 12.70
N TYR A 136 17.92 1.17 11.61
CA TYR A 136 16.56 1.65 11.63
C TYR A 136 15.66 0.59 12.27
N ILE A 137 15.76 -0.65 11.81
CA ILE A 137 14.94 -1.74 12.33
C ILE A 137 15.16 -1.94 13.82
N GLU A 138 16.43 -1.97 14.26
CA GLU A 138 16.76 -2.15 15.67
C GLU A 138 16.11 -1.07 16.53
N LYS A 139 16.15 0.17 16.05
CA LYS A 139 15.52 1.23 16.81
C LYS A 139 13.99 1.10 16.76
N VAL A 140 13.44 0.67 15.63
CA VAL A 140 11.99 0.62 15.51
C VAL A 140 11.36 -0.56 16.24
N ALA A 141 12.17 -1.52 16.62
CA ALA A 141 11.67 -2.67 17.35
C ALA A 141 11.31 -2.20 18.76
N GLU A 142 11.91 -1.09 19.18
CA GLU A 142 11.65 -0.54 20.50
C GLU A 142 10.40 0.34 20.44
N LEU A 143 10.32 1.14 19.37
CA LEU A 143 9.18 2.03 19.13
C LEU A 143 7.83 1.31 19.01
N LEU A 144 7.83 0.11 18.46
CA LEU A 144 6.61 -0.67 18.24
C LEU A 144 6.22 -1.70 19.28
N GLU A 145 6.83 -1.66 20.45
CA GLU A 145 6.56 -2.65 21.49
C GLU A 145 5.09 -3.01 21.75
N LYS A 146 4.15 -2.13 21.49
CA LYS A 146 2.77 -2.52 21.74
C LYS A 146 2.05 -3.07 20.51
N VAL A 147 2.57 -2.76 19.34
CA VAL A 147 2.01 -3.22 18.07
C VAL A 147 2.24 -4.72 17.80
N LYS A 148 1.31 -5.32 17.06
CA LYS A 148 1.42 -6.73 16.70
C LYS A 148 1.75 -6.94 15.20
N LEU A 149 1.12 -6.12 14.35
CA LEU A 149 1.20 -6.21 12.89
C LEU A 149 2.12 -5.25 12.20
N VAL A 150 3.17 -5.78 11.62
CA VAL A 150 4.15 -4.97 10.93
C VAL A 150 4.38 -5.46 9.50
N ALA A 151 4.53 -4.50 8.59
CA ALA A 151 4.78 -4.82 7.19
C ALA A 151 6.05 -4.05 6.91
N THR A 152 7.01 -4.75 6.32
CA THR A 152 8.30 -4.19 6.00
C THR A 152 8.24 -3.11 4.93
N PHE A 153 7.93 -3.49 3.69
CA PHE A 153 7.83 -2.53 2.59
C PHE A 153 6.41 -2.39 2.05
N ASN A 154 6.05 -1.18 1.64
CA ASN A 154 4.77 -0.97 1.00
C ASN A 154 5.07 -1.03 -0.51
N GLU A 155 4.46 -1.98 -1.21
CA GLU A 155 4.61 -2.07 -2.65
C GLU A 155 6.02 -1.92 -3.18
N PRO A 156 6.90 -2.89 -2.86
CA PRO A 156 8.29 -2.86 -3.32
C PRO A 156 8.46 -2.82 -4.85
N MET A 157 7.68 -3.60 -5.58
CA MET A 157 7.78 -3.55 -7.05
C MET A 157 7.32 -2.18 -7.67
N VAL A 158 6.35 -1.51 -7.03
CA VAL A 158 5.93 -0.23 -7.58
C VAL A 158 7.06 0.74 -7.31
N TYR A 159 7.73 0.52 -6.18
CA TYR A 159 8.83 1.37 -5.79
C TYR A 159 9.98 1.23 -6.80
N VAL A 160 10.25 -0.02 -7.18
CA VAL A 160 11.29 -0.33 -8.13
C VAL A 160 10.95 0.17 -9.53
N MET A 161 9.71 -0.04 -9.95
CA MET A 161 9.27 0.36 -11.28
C MET A 161 9.27 1.86 -11.49
N MET A 162 8.70 2.60 -10.55
CA MET A 162 8.61 4.05 -10.65
C MET A 162 9.95 4.76 -10.60
N GLY A 163 10.81 4.36 -9.68
CA GLY A 163 12.08 5.06 -9.58
C GLY A 163 13.29 4.49 -10.29
N TYR A 164 13.21 3.29 -10.87
CA TYR A 164 14.39 2.69 -11.48
C TYR A 164 14.23 2.18 -12.88
N LEU A 165 12.99 2.04 -13.30
CA LEU A 165 12.73 1.49 -14.61
C LEU A 165 12.02 2.54 -15.44
N THR A 166 11.17 3.27 -14.74
CA THR A 166 10.34 4.24 -15.38
C THR A 166 10.81 5.69 -15.27
N ALA A 167 11.64 5.98 -14.28
CA ALA A 167 12.16 7.33 -14.09
C ALA A 167 11.06 8.33 -13.69
N TYR A 168 9.89 7.80 -13.33
CA TYR A 168 8.75 8.63 -12.91
C TYR A 168 8.92 9.19 -11.47
N TRP A 169 9.54 8.43 -10.58
CA TRP A 169 9.75 8.85 -9.19
C TRP A 169 11.23 8.86 -8.85
N PRO A 170 11.59 9.47 -7.71
CA PRO A 170 12.98 9.53 -7.24
C PRO A 170 13.50 8.08 -7.13
N PRO A 171 14.79 7.83 -7.48
CA PRO A 171 15.85 8.73 -7.98
C PRO A 171 15.79 9.07 -9.47
N PHE A 172 14.67 8.78 -10.11
CA PHE A 172 14.51 9.09 -11.53
C PHE A 172 15.49 8.32 -12.41
N ILE A 173 15.40 7.00 -12.38
CA ILE A 173 16.29 6.15 -13.16
C ILE A 173 15.49 5.28 -14.13
N ARG A 174 16.10 5.02 -15.29
CA ARG A 174 15.53 4.24 -16.37
C ARG A 174 16.52 3.13 -16.68
N SER A 175 16.62 2.12 -15.82
CA SER A 175 17.60 1.05 -16.03
C SER A 175 17.16 -0.35 -15.59
N PRO A 176 16.95 -1.26 -16.54
CA PRO A 176 16.52 -2.61 -16.14
C PRO A 176 17.52 -3.30 -15.23
N PHE A 177 18.80 -3.15 -15.53
CA PHE A 177 19.80 -3.80 -14.71
C PHE A 177 19.71 -3.32 -13.26
N LYS A 178 19.59 -2.00 -13.07
CA LYS A 178 19.53 -1.46 -11.73
C LYS A 178 18.22 -1.77 -11.00
N ALA A 179 17.10 -1.65 -11.69
CA ALA A 179 15.80 -1.93 -11.08
C ALA A 179 15.81 -3.33 -10.47
N PHE A 180 16.37 -4.31 -11.15
CA PHE A 180 16.40 -5.65 -10.59
C PHE A 180 17.34 -5.80 -9.42
N LYS A 181 18.45 -5.06 -9.43
CA LYS A 181 19.36 -5.17 -8.29
C LYS A 181 18.65 -4.55 -7.06
N VAL A 182 17.89 -3.48 -7.26
CA VAL A 182 17.17 -2.88 -6.13
C VAL A 182 16.14 -3.90 -5.55
N ALA A 183 15.39 -4.55 -6.43
CA ALA A 183 14.41 -5.51 -5.98
C ALA A 183 15.06 -6.58 -5.10
N ALA A 184 16.21 -7.09 -5.54
CA ALA A 184 16.92 -8.13 -4.77
C ALA A 184 17.30 -7.57 -3.41
N ASN A 185 17.72 -6.30 -3.38
CA ASN A 185 18.09 -5.70 -2.08
C ASN A 185 16.90 -5.46 -1.15
N LEU A 186 15.72 -5.28 -1.73
CA LEU A 186 14.50 -5.09 -0.96
C LEU A 186 14.18 -6.43 -0.32
N LEU A 187 14.37 -7.49 -1.07
CA LEU A 187 14.15 -8.82 -0.55
C LEU A 187 15.12 -9.11 0.61
N LYS A 188 16.38 -8.65 0.49
CA LYS A 188 17.34 -8.85 1.58
C LYS A 188 16.92 -8.02 2.76
N ALA A 189 16.52 -6.77 2.50
CA ALA A 189 16.08 -5.86 3.54
C ALA A 189 14.90 -6.49 4.30
N HIS A 190 13.95 -7.04 3.55
CA HIS A 190 12.83 -7.72 4.18
C HIS A 190 13.35 -8.90 5.04
N ALA A 191 14.25 -9.70 4.48
CA ALA A 191 14.77 -10.84 5.21
C ALA A 191 15.44 -10.36 6.50
N ILE A 192 16.12 -9.22 6.43
CA ILE A 192 16.78 -8.68 7.62
C ILE A 192 15.77 -8.25 8.69
N ALA A 193 14.68 -7.61 8.27
CA ALA A 193 13.66 -7.16 9.24
C ALA A 193 12.94 -8.36 9.86
N TYR A 194 12.57 -9.31 9.02
CA TYR A 194 11.86 -10.49 9.49
C TYR A 194 12.63 -11.21 10.59
N GLU A 195 13.94 -11.30 10.38
CA GLU A 195 14.84 -11.96 11.32
C GLU A 195 14.85 -11.21 12.66
N LEU A 196 14.94 -9.89 12.58
CA LEU A 196 14.99 -9.03 13.74
C LEU A 196 13.65 -8.86 14.45
N LEU A 197 12.54 -8.96 13.73
CA LEU A 197 11.24 -8.72 14.35
C LEU A 197 10.28 -9.87 14.57
N HIS A 198 10.33 -10.89 13.71
CA HIS A 198 9.39 -12.00 13.81
C HIS A 198 9.20 -12.54 15.22
N GLY A 199 10.24 -12.46 16.04
CA GLY A 199 10.05 -12.90 17.40
C GLY A 199 8.87 -12.16 18.01
N LYS A 200 9.08 -10.91 18.40
CA LYS A 200 8.00 -10.16 19.01
C LYS A 200 6.83 -9.72 18.12
N PHE A 201 7.01 -9.76 16.81
CA PHE A 201 5.92 -9.32 15.92
C PHE A 201 5.52 -10.26 14.82
N LYS A 202 4.45 -9.87 14.15
CA LYS A 202 3.94 -10.59 12.98
C LYS A 202 4.42 -9.63 11.88
N VAL A 203 5.39 -10.11 11.10
CA VAL A 203 6.02 -9.32 10.05
C VAL A 203 5.61 -9.78 8.68
N GLY A 204 4.91 -8.87 7.99
CA GLY A 204 4.44 -9.15 6.66
C GLY A 204 5.08 -8.17 5.69
N ILE A 205 4.56 -8.17 4.46
CA ILE A 205 5.02 -7.28 3.40
C ILE A 205 3.73 -6.89 2.67
N VAL A 206 3.73 -5.73 2.01
CA VAL A 206 2.56 -5.25 1.29
C VAL A 206 2.82 -5.20 -0.23
N LYS A 207 2.05 -5.97 -0.98
CA LYS A 207 2.21 -6.00 -2.42
C LYS A 207 1.04 -5.41 -3.21
N ASN A 208 1.34 -4.57 -4.19
CA ASN A 208 0.31 -4.06 -5.07
C ASN A 208 0.08 -5.21 -6.05
N ILE A 209 -1.16 -5.68 -6.16
CA ILE A 209 -1.40 -6.76 -7.07
C ILE A 209 -2.42 -6.45 -8.16
N PRO A 210 -1.97 -5.82 -9.22
CA PRO A 210 -2.96 -5.52 -10.29
C PRO A 210 -3.44 -6.83 -10.96
N ILE A 211 -4.60 -6.76 -11.61
CA ILE A 211 -5.07 -7.94 -12.32
C ILE A 211 -4.56 -7.65 -13.72
N ILE A 212 -3.72 -8.55 -14.19
CA ILE A 212 -3.09 -8.39 -15.49
C ILE A 212 -3.75 -9.29 -16.51
N LEU A 213 -4.32 -8.66 -17.54
CA LEU A 213 -5.07 -9.33 -18.59
C LEU A 213 -4.43 -9.18 -19.95
N PRO A 214 -4.63 -10.17 -20.81
CA PRO A 214 -4.06 -10.11 -22.17
C PRO A 214 -4.89 -9.10 -22.97
N ALA A 215 -4.23 -8.32 -23.81
CA ALA A 215 -4.88 -7.32 -24.65
C ALA A 215 -5.75 -7.99 -25.72
N SER A 216 -5.60 -9.30 -25.88
CA SER A 216 -6.40 -10.02 -26.87
C SER A 216 -6.33 -11.48 -26.56
N ASP A 217 -7.06 -12.28 -27.33
CA ASP A 217 -7.11 -13.73 -27.14
C ASP A 217 -5.94 -14.46 -27.71
N LYS A 218 -5.23 -13.81 -28.63
CA LYS A 218 -4.04 -14.40 -29.26
C LYS A 218 -3.05 -14.88 -28.21
N GLU A 219 -2.53 -16.11 -28.40
CA GLU A 219 -1.61 -16.71 -27.43
C GLU A 219 -0.37 -15.84 -27.24
N ARG A 220 -0.02 -15.09 -28.27
CA ARG A 220 1.12 -14.19 -28.21
C ARG A 220 0.88 -13.20 -27.04
N ASP A 221 -0.36 -12.74 -26.90
CA ASP A 221 -0.71 -11.81 -25.84
C ASP A 221 -1.02 -12.49 -24.50
N ARG A 222 -1.53 -13.70 -24.55
CA ARG A 222 -1.81 -14.44 -23.32
C ARG A 222 -0.48 -14.77 -22.64
N LYS A 223 0.50 -15.20 -23.44
CA LYS A 223 1.81 -15.55 -22.93
C LYS A 223 2.43 -14.29 -22.33
N ALA A 224 2.21 -13.17 -23.01
CA ALA A 224 2.71 -11.89 -22.56
C ALA A 224 2.11 -11.45 -21.21
N ALA A 225 0.81 -11.65 -21.01
CA ALA A 225 0.21 -11.26 -19.72
C ALA A 225 0.70 -12.15 -18.58
N GLU A 226 0.95 -13.44 -18.85
CA GLU A 226 1.45 -14.35 -17.82
C GLU A 226 2.85 -13.94 -17.38
N LYS A 227 3.67 -13.61 -18.38
CA LYS A 227 5.03 -13.21 -18.17
C LYS A 227 5.06 -11.94 -17.34
N ALA A 228 4.28 -10.94 -17.76
CA ALA A 228 4.22 -9.66 -17.05
C ALA A 228 3.70 -9.88 -15.63
N ASP A 229 2.72 -10.77 -15.49
CA ASP A 229 2.15 -11.04 -14.19
C ASP A 229 3.20 -11.66 -13.28
N ASN A 230 4.01 -12.59 -13.82
CA ASN A 230 5.08 -13.24 -13.05
C ASN A 230 6.17 -12.25 -12.69
N LEU A 231 6.51 -11.39 -13.62
CA LEU A 231 7.54 -10.38 -13.42
C LEU A 231 7.16 -9.30 -12.41
N PHE A 232 5.91 -8.88 -12.38
CA PHE A 232 5.55 -7.81 -11.46
C PHE A 232 5.05 -8.33 -10.12
N ASN A 233 4.45 -9.52 -10.16
CA ASN A 233 3.88 -10.11 -8.94
C ASN A 233 4.53 -11.34 -8.32
N TRP A 234 4.41 -12.49 -8.96
CA TRP A 234 4.88 -13.74 -8.37
C TRP A 234 6.35 -14.05 -8.19
N HIS A 235 7.21 -13.54 -9.05
CA HIS A 235 8.64 -13.82 -8.89
C HIS A 235 9.18 -13.14 -7.64
N PHE A 236 8.72 -11.91 -7.40
CA PHE A 236 9.18 -11.18 -6.24
C PHE A 236 8.68 -11.86 -4.95
N LEU A 237 7.40 -12.21 -4.89
CA LEU A 237 6.87 -12.86 -3.69
C LEU A 237 7.40 -14.28 -3.53
N ASP A 238 7.60 -14.98 -4.63
CA ASP A 238 8.17 -16.35 -4.60
C ASP A 238 9.52 -16.32 -3.92
N ALA A 239 10.31 -15.32 -4.29
CA ALA A 239 11.68 -15.16 -3.80
C ALA A 239 11.72 -15.11 -2.29
N ILE A 240 10.67 -14.60 -1.65
CA ILE A 240 10.70 -14.56 -0.21
C ILE A 240 10.88 -15.97 0.34
N TRP A 241 10.25 -16.96 -0.28
CA TRP A 241 10.40 -18.35 0.20
C TRP A 241 11.49 -19.16 -0.46
N SER A 242 11.69 -18.98 -1.76
CA SER A 242 12.68 -19.78 -2.47
C SER A 242 14.11 -19.29 -2.35
N GLY A 243 14.30 -17.99 -2.11
CA GLY A 243 15.65 -17.46 -2.02
C GLY A 243 16.25 -17.09 -3.38
N LYS A 244 15.57 -17.42 -4.47
CA LYS A 244 16.10 -17.07 -5.79
C LYS A 244 15.22 -15.98 -6.44
N TYR A 245 15.87 -14.98 -7.03
CA TYR A 245 15.17 -13.90 -7.71
C TYR A 245 15.97 -13.58 -8.98
N ARG A 246 15.38 -13.92 -10.13
CA ARG A 246 16.00 -13.71 -11.43
C ARG A 246 15.98 -12.25 -11.91
N GLY A 247 17.16 -11.74 -12.29
CA GLY A 247 17.30 -10.37 -12.80
C GLY A 247 17.42 -10.36 -14.33
N VAL A 248 18.07 -9.36 -14.90
CA VAL A 248 18.18 -9.36 -16.38
C VAL A 248 19.21 -10.38 -16.86
N PHE A 249 20.38 -10.35 -16.23
CA PHE A 249 21.47 -11.24 -16.58
C PHE A 249 21.70 -12.24 -15.45
N LYS A 250 21.53 -11.80 -14.21
CA LYS A 250 21.77 -12.67 -13.06
C LYS A 250 20.52 -13.23 -12.43
N THR A 251 20.76 -14.13 -11.47
CA THR A 251 19.73 -14.72 -10.62
C THR A 251 20.32 -14.47 -9.23
N TYR A 252 19.73 -13.54 -8.50
CA TYR A 252 20.23 -13.20 -7.19
C TYR A 252 19.86 -14.25 -6.15
N ARG A 253 20.84 -14.59 -5.32
CA ARG A 253 20.65 -15.56 -4.26
C ARG A 253 20.55 -14.79 -2.95
N ILE A 254 19.40 -14.94 -2.30
CA ILE A 254 19.17 -14.27 -1.05
C ILE A 254 18.73 -15.35 -0.07
N PRO A 255 18.96 -15.13 1.25
CA PRO A 255 18.55 -16.17 2.21
C PRO A 255 17.03 -16.28 2.23
N GLN A 256 16.52 -17.48 2.40
CA GLN A 256 15.09 -17.68 2.46
C GLN A 256 14.58 -17.12 3.79
N SER A 257 13.48 -16.39 3.74
CA SER A 257 12.90 -15.93 5.00
C SER A 257 11.42 -16.26 4.96
N ASP A 258 10.58 -15.32 5.36
CA ASP A 258 9.17 -15.61 5.39
C ASP A 258 8.43 -14.28 5.51
N ALA A 259 7.10 -14.35 5.60
CA ALA A 259 6.23 -13.19 5.77
C ALA A 259 5.07 -13.76 6.56
N ASP A 260 4.71 -13.17 7.69
CA ASP A 260 3.60 -13.76 8.43
C ASP A 260 2.25 -13.45 7.84
N PHE A 261 2.19 -12.44 6.97
CA PHE A 261 0.95 -12.11 6.27
C PHE A 261 1.30 -11.35 5.01
N ILE A 262 0.40 -11.38 4.03
CA ILE A 262 0.61 -10.66 2.80
C ILE A 262 -0.52 -9.65 2.72
N GLY A 263 -0.16 -8.36 2.68
CA GLY A 263 -1.14 -7.31 2.55
C GLY A 263 -1.32 -7.14 1.05
N VAL A 264 -2.56 -7.16 0.58
CA VAL A 264 -2.87 -7.00 -0.84
C VAL A 264 -3.44 -5.62 -1.06
N ASN A 265 -2.80 -4.88 -1.95
CA ASN A 265 -3.21 -3.55 -2.36
C ASN A 265 -3.80 -3.79 -3.74
N TYR A 266 -5.11 -3.58 -3.88
CA TYR A 266 -5.75 -3.79 -5.18
C TYR A 266 -6.58 -2.60 -5.62
N TYR A 267 -6.37 -2.16 -6.85
CA TYR A 267 -7.08 -1.02 -7.38
C TYR A 267 -7.79 -1.25 -8.70
N THR A 268 -7.10 -1.84 -9.67
CA THR A 268 -7.70 -2.01 -11.00
C THR A 268 -6.95 -3.07 -11.81
N ALA A 269 -7.28 -3.18 -13.09
CA ALA A 269 -6.64 -4.18 -13.95
C ALA A 269 -5.93 -3.50 -15.13
N SER A 270 -4.92 -4.20 -15.65
CA SER A 270 -4.10 -3.74 -16.77
C SER A 270 -4.12 -4.77 -17.88
N GLU A 271 -4.00 -4.29 -19.12
CA GLU A 271 -3.96 -5.15 -20.28
C GLU A 271 -2.51 -5.14 -20.82
N VAL A 272 -2.02 -6.30 -21.20
CA VAL A 272 -0.67 -6.40 -21.69
C VAL A 272 -0.63 -6.94 -23.12
N ARG A 273 0.21 -6.37 -23.97
CA ARG A 273 0.30 -6.91 -25.31
C ARG A 273 1.76 -7.20 -25.57
N HIS A 274 2.02 -8.15 -26.47
CA HIS A 274 3.36 -8.52 -26.83
C HIS A 274 4.06 -7.50 -27.73
N THR A 275 5.36 -7.30 -27.54
CA THR A 275 6.14 -6.41 -28.41
C THR A 275 7.46 -7.08 -28.71
N TRP A 276 8.13 -6.53 -29.70
CA TRP A 276 9.41 -7.02 -30.16
C TRP A 276 10.57 -6.47 -29.30
N ASN A 277 10.33 -5.36 -28.62
CA ASN A 277 11.34 -4.68 -27.83
C ASN A 277 11.76 -5.25 -26.48
N PRO A 278 12.97 -5.85 -26.43
CA PRO A 278 13.50 -6.44 -25.20
C PRO A 278 13.71 -5.45 -24.05
N LEU A 279 13.79 -4.18 -24.39
CA LEU A 279 13.99 -3.18 -23.37
C LEU A 279 12.71 -3.12 -22.57
N LYS A 280 11.58 -3.35 -23.22
CA LYS A 280 10.31 -3.35 -22.50
C LYS A 280 9.93 -4.77 -22.10
N PHE A 281 10.94 -5.62 -21.97
CA PHE A 281 10.77 -7.03 -21.63
C PHE A 281 9.74 -7.71 -22.53
N PHE A 282 9.65 -7.22 -23.76
CA PHE A 282 8.74 -7.79 -24.75
C PHE A 282 7.23 -7.67 -24.52
N PHE A 283 6.79 -6.58 -23.90
CA PHE A 283 5.36 -6.34 -23.72
C PHE A 283 5.02 -4.90 -23.41
N GLU A 284 3.82 -4.50 -23.80
CA GLU A 284 3.34 -3.17 -23.53
C GLU A 284 2.11 -3.25 -22.65
N VAL A 285 2.09 -2.41 -21.65
CA VAL A 285 1.04 -2.33 -20.68
C VAL A 285 0.20 -1.08 -20.89
N LYS A 286 -1.11 -1.24 -20.70
CA LYS A 286 -2.04 -0.13 -20.79
C LYS A 286 -3.07 -0.43 -19.69
N LEU A 287 -3.80 0.60 -19.25
CA LEU A 287 -4.82 0.41 -18.23
C LEU A 287 -5.94 -0.35 -18.93
N ALA A 288 -6.53 -1.35 -18.28
CA ALA A 288 -7.62 -2.12 -18.86
C ALA A 288 -8.87 -1.26 -18.93
N ASP A 289 -9.57 -1.28 -20.05
CA ASP A 289 -10.78 -0.49 -20.17
C ASP A 289 -11.93 -1.43 -19.83
N ILE A 290 -12.32 -1.49 -18.57
CA ILE A 290 -13.40 -2.39 -18.23
C ILE A 290 -14.71 -1.70 -17.97
N SER A 291 -14.73 -0.81 -17.00
CA SER A 291 -15.97 -0.14 -16.68
C SER A 291 -16.13 1.07 -17.59
N GLU A 292 -17.37 1.42 -17.91
CA GLU A 292 -17.61 2.56 -18.79
C GLU A 292 -17.18 3.81 -18.00
N ARG A 293 -17.46 3.82 -16.71
CA ARG A 293 -17.09 4.95 -15.88
C ARG A 293 -15.67 4.83 -15.35
N LYS A 294 -14.85 5.82 -15.65
CA LYS A 294 -13.48 5.80 -15.20
C LYS A 294 -13.27 6.59 -13.93
N THR A 295 -12.13 6.35 -13.31
CA THR A 295 -11.72 6.99 -12.07
C THR A 295 -11.03 8.34 -12.37
N GLN A 296 -10.72 9.13 -11.34
CA GLN A 296 -10.04 10.40 -11.58
C GLN A 296 -8.75 10.22 -12.38
N MET A 297 -8.01 9.13 -12.18
CA MET A 297 -6.82 8.96 -13.01
C MET A 297 -7.20 8.09 -14.20
N GLY A 298 -8.50 7.98 -14.43
CA GLY A 298 -9.02 7.20 -15.54
C GLY A 298 -8.84 5.71 -15.44
N TRP A 299 -8.93 5.18 -14.23
CA TRP A 299 -8.83 3.73 -14.07
C TRP A 299 -10.24 3.14 -14.10
N SER A 300 -10.31 1.87 -14.44
CA SER A 300 -11.58 1.18 -14.45
C SER A 300 -11.81 0.68 -13.02
N VAL A 301 -13.07 0.37 -12.74
CA VAL A 301 -13.47 -0.16 -11.47
C VAL A 301 -13.83 -1.59 -11.88
N TYR A 302 -13.30 -2.56 -11.14
CA TYR A 302 -13.45 -3.97 -11.49
C TYR A 302 -13.42 -4.74 -10.19
N PRO A 303 -14.53 -4.70 -9.43
CA PRO A 303 -14.69 -5.37 -8.14
C PRO A 303 -14.26 -6.84 -8.07
N LYS A 304 -14.48 -7.57 -9.14
CA LYS A 304 -14.14 -8.98 -9.17
C LYS A 304 -12.61 -9.18 -9.09
N GLY A 305 -11.88 -8.15 -9.49
CA GLY A 305 -10.43 -8.23 -9.44
C GLY A 305 -9.90 -8.49 -8.04
N ILE A 306 -10.56 -7.90 -7.04
CA ILE A 306 -10.10 -8.06 -5.68
C ILE A 306 -10.25 -9.50 -5.24
N TYR A 307 -11.26 -10.20 -5.75
CA TYR A 307 -11.43 -11.61 -5.41
C TYR A 307 -10.27 -12.42 -6.05
N MET A 308 -10.02 -12.15 -7.34
CA MET A 308 -8.94 -12.79 -8.06
C MET A 308 -7.58 -12.51 -7.39
N ALA A 309 -7.36 -11.25 -6.98
CA ALA A 309 -6.09 -10.90 -6.36
C ALA A 309 -5.87 -11.69 -5.06
N LEU A 310 -6.91 -11.76 -4.24
CA LEU A 310 -6.85 -12.50 -2.99
C LEU A 310 -6.61 -13.99 -3.28
N LYS A 311 -7.31 -14.51 -4.28
CA LYS A 311 -7.20 -15.92 -4.67
C LYS A 311 -5.75 -16.24 -5.07
N LYS A 312 -5.22 -15.48 -6.01
CA LYS A 312 -3.86 -15.70 -6.46
C LYS A 312 -2.84 -15.60 -5.33
N ALA A 313 -3.06 -14.67 -4.42
CA ALA A 313 -2.14 -14.44 -3.33
C ALA A 313 -2.22 -15.52 -2.23
N SER A 314 -3.31 -16.28 -2.22
CA SER A 314 -3.43 -17.31 -1.19
C SER A 314 -2.49 -18.48 -1.51
N ARG A 315 -1.90 -18.48 -2.71
CA ARG A 315 -1.01 -19.56 -3.07
C ARG A 315 0.11 -19.76 -2.04
N TYR A 316 0.46 -18.70 -1.31
CA TYR A 316 1.53 -18.76 -0.30
C TYR A 316 1.15 -19.31 1.08
N GLY A 317 -0.10 -19.71 1.26
CA GLY A 317 -0.51 -20.26 2.55
C GLY A 317 -0.32 -19.33 3.73
N ARG A 318 -0.44 -18.02 3.53
CA ARG A 318 -0.30 -17.08 4.65
C ARG A 318 -1.56 -16.20 4.74
N PRO A 319 -1.94 -15.81 5.95
CA PRO A 319 -3.13 -14.96 6.09
C PRO A 319 -3.04 -13.65 5.23
N LEU A 320 -4.18 -13.24 4.69
CA LEU A 320 -4.19 -12.08 3.84
C LEU A 320 -5.00 -10.92 4.39
N TYR A 321 -4.61 -9.71 3.99
CA TYR A 321 -5.32 -8.51 4.37
C TYR A 321 -5.42 -7.64 3.12
N ILE A 322 -6.49 -6.87 3.00
CA ILE A 322 -6.51 -5.95 1.87
C ILE A 322 -5.97 -4.74 2.57
N THR A 323 -4.70 -4.43 2.30
CA THR A 323 -4.09 -3.29 2.95
C THR A 323 -4.36 -1.98 2.24
N GLU A 324 -4.92 -2.06 1.04
CA GLU A 324 -5.31 -0.85 0.32
C GLU A 324 -6.32 -1.13 -0.78
N ASN A 325 -7.35 -0.29 -0.83
CA ASN A 325 -8.38 -0.37 -1.86
C ASN A 325 -9.13 0.94 -1.69
N GLY A 326 -9.21 1.70 -2.78
CA GLY A 326 -9.90 2.97 -2.67
C GLY A 326 -10.19 3.55 -4.01
N ILE A 327 -10.85 4.69 -4.03
CA ILE A 327 -11.21 5.30 -5.29
C ILE A 327 -11.12 6.83 -5.21
N ALA A 328 -10.66 7.44 -6.29
CA ALA A 328 -10.54 8.89 -6.35
C ALA A 328 -11.67 9.38 -7.25
N THR A 329 -12.60 10.16 -6.68
CA THR A 329 -13.73 10.75 -7.42
C THR A 329 -14.19 11.98 -6.70
N LEU A 330 -14.96 12.81 -7.39
CA LEU A 330 -15.53 13.96 -6.73
C LEU A 330 -16.96 13.58 -6.40
N ASP A 331 -17.32 12.35 -6.78
CA ASP A 331 -18.65 11.78 -6.59
C ASP A 331 -18.65 10.70 -5.51
N ASP A 332 -18.95 11.06 -4.27
CA ASP A 332 -18.94 10.14 -3.12
C ASP A 332 -19.97 9.00 -3.23
N GLU A 333 -20.95 9.17 -4.10
CA GLU A 333 -21.98 8.14 -4.25
C GLU A 333 -21.35 6.93 -4.93
N TRP A 334 -20.39 7.23 -5.81
CA TRP A 334 -19.61 6.26 -6.58
C TRP A 334 -18.67 5.52 -5.59
N ARG A 335 -18.18 6.23 -4.58
CA ARG A 335 -17.31 5.64 -3.56
C ARG A 335 -18.04 4.63 -2.67
N VAL A 336 -19.25 4.97 -2.27
CA VAL A 336 -20.05 4.06 -1.42
C VAL A 336 -20.22 2.78 -2.24
N GLU A 337 -20.61 2.95 -3.48
CA GLU A 337 -20.82 1.83 -4.37
C GLU A 337 -19.54 1.00 -4.53
N PHE A 338 -18.43 1.68 -4.79
CA PHE A 338 -17.12 1.04 -4.94
C PHE A 338 -16.81 0.17 -3.73
N ILE A 339 -16.89 0.78 -2.55
CA ILE A 339 -16.61 0.07 -1.31
C ILE A 339 -17.47 -1.15 -1.12
N ILE A 340 -18.77 -0.98 -1.31
CA ILE A 340 -19.68 -2.08 -1.09
C ILE A 340 -19.46 -3.25 -2.05
N GLN A 341 -19.33 -2.94 -3.32
CA GLN A 341 -19.09 -3.99 -4.30
C GLN A 341 -17.75 -4.72 -4.02
N HIS A 342 -16.73 -4.01 -3.55
CA HIS A 342 -15.48 -4.71 -3.32
C HIS A 342 -15.64 -5.55 -2.08
N LEU A 343 -16.41 -5.07 -1.10
CA LEU A 343 -16.59 -5.87 0.11
C LEU A 343 -17.41 -7.12 -0.17
N GLN A 344 -18.34 -7.05 -1.14
CA GLN A 344 -19.13 -8.24 -1.46
C GLN A 344 -18.16 -9.33 -1.91
N TYR A 345 -17.17 -8.96 -2.72
CA TYR A 345 -16.16 -9.88 -3.20
C TYR A 345 -15.18 -10.27 -2.09
N VAL A 346 -14.90 -9.35 -1.18
CA VAL A 346 -14.01 -9.70 -0.08
C VAL A 346 -14.78 -10.73 0.73
N HIS A 347 -16.09 -10.58 0.82
CA HIS A 347 -16.92 -11.52 1.58
C HIS A 347 -16.99 -12.88 0.90
N LYS A 348 -17.15 -12.91 -0.42
CA LYS A 348 -17.21 -14.20 -1.08
C LYS A 348 -15.90 -14.95 -0.95
N ALA A 349 -14.78 -14.21 -0.86
CA ALA A 349 -13.46 -14.81 -0.71
C ALA A 349 -13.49 -15.56 0.61
N ILE A 350 -13.93 -14.87 1.67
CA ILE A 350 -14.04 -15.51 2.97
C ILE A 350 -14.98 -16.72 2.89
N GLU A 351 -16.07 -16.59 2.16
CA GLU A 351 -17.00 -17.71 2.01
C GLU A 351 -16.29 -18.88 1.33
N ASP A 352 -15.53 -18.60 0.28
CA ASP A 352 -14.84 -19.68 -0.40
C ASP A 352 -13.61 -20.22 0.35
N GLY A 353 -13.46 -19.83 1.61
CA GLY A 353 -12.36 -20.33 2.43
C GLY A 353 -11.06 -19.56 2.58
N LEU A 354 -10.84 -18.57 1.71
CA LEU A 354 -9.62 -17.79 1.76
C LEU A 354 -9.49 -17.13 3.13
N ASP A 355 -8.27 -17.11 3.66
CA ASP A 355 -7.99 -16.53 4.98
C ASP A 355 -7.77 -14.99 4.94
N VAL A 356 -8.84 -14.22 4.70
CA VAL A 356 -8.75 -12.75 4.66
C VAL A 356 -9.12 -12.20 6.04
N ARG A 357 -8.25 -11.42 6.66
CA ARG A 357 -8.52 -10.92 8.00
C ARG A 357 -8.81 -9.44 8.16
N GLY A 358 -8.81 -8.70 7.06
CA GLY A 358 -9.06 -7.29 7.19
C GLY A 358 -9.16 -6.59 5.86
N TYR A 359 -9.72 -5.39 5.93
CA TYR A 359 -9.90 -4.57 4.76
C TYR A 359 -9.54 -3.14 5.19
N PHE A 360 -8.59 -2.51 4.53
CA PHE A 360 -8.25 -1.11 4.87
C PHE A 360 -8.58 -0.26 3.66
N TYR A 361 -9.48 0.70 3.83
CA TYR A 361 -9.86 1.55 2.73
C TYR A 361 -8.77 2.55 2.40
N TRP A 362 -8.39 2.65 1.14
CA TRP A 362 -7.35 3.64 0.94
C TRP A 362 -7.81 5.06 0.98
N SER A 363 -7.42 5.50 2.16
CA SER A 363 -7.50 6.75 2.81
C SER A 363 -8.65 7.26 3.56
N PHE A 364 -8.32 7.38 4.84
CA PHE A 364 -9.17 7.90 5.86
C PHE A 364 -9.47 9.32 5.35
N MET A 365 -8.48 9.98 4.77
CA MET A 365 -8.68 11.34 4.25
C MET A 365 -7.94 11.65 2.95
N ASP A 366 -8.43 12.64 2.20
CA ASP A 366 -7.75 13.04 0.97
C ASP A 366 -6.32 13.36 1.43
N ASN A 367 -5.35 13.27 0.53
CA ASN A 367 -3.98 13.55 0.93
C ASN A 367 -3.06 13.73 -0.27
N TYR A 368 -1.78 13.88 -0.02
CA TYR A 368 -0.83 14.07 -1.11
C TYR A 368 -0.65 12.79 -1.95
N GLU A 369 -1.15 12.83 -3.17
CA GLU A 369 -1.09 11.67 -4.03
C GLU A 369 0.14 11.70 -4.94
N TRP A 370 1.33 11.72 -4.30
CA TRP A 370 2.65 11.72 -4.93
C TRP A 370 2.86 12.68 -6.09
N LYS A 371 3.23 12.11 -7.24
CA LYS A 371 3.48 12.92 -8.41
C LYS A 371 2.21 13.63 -8.88
N GLU A 372 1.04 13.04 -8.64
CA GLU A 372 -0.22 13.67 -9.07
C GLU A 372 -0.66 14.83 -8.16
N GLY A 373 0.02 15.05 -7.04
CA GLY A 373 -0.36 16.14 -6.16
C GLY A 373 -1.63 15.91 -5.34
N PHE A 374 -2.33 17.01 -5.04
CA PHE A 374 -3.56 16.96 -4.24
C PHE A 374 -4.88 16.85 -4.99
N GLY A 375 -4.85 16.83 -6.32
CA GLY A 375 -6.10 16.73 -7.06
C GLY A 375 -6.93 15.45 -6.86
N PRO A 376 -6.28 14.29 -6.71
CA PRO A 376 -7.10 13.08 -6.52
C PRO A 376 -7.62 12.98 -5.08
N ARG A 377 -8.91 12.74 -4.92
CA ARG A 377 -9.52 12.64 -3.58
C ARG A 377 -9.98 11.20 -3.28
N PHE A 378 -9.16 10.48 -2.52
CA PHE A 378 -9.43 9.09 -2.18
C PHE A 378 -10.13 8.95 -0.84
N GLY A 379 -10.21 10.07 -0.14
CA GLY A 379 -10.75 10.09 1.19
C GLY A 379 -12.21 9.85 1.49
N LEU A 380 -12.41 9.24 2.65
CA LEU A 380 -13.72 8.98 3.20
C LEU A 380 -14.02 10.35 3.84
N VAL A 381 -12.92 11.02 4.18
CA VAL A 381 -12.92 12.31 4.84
C VAL A 381 -12.22 13.36 4.00
N GLU A 382 -12.99 14.38 3.65
CA GLU A 382 -12.53 15.50 2.87
C GLU A 382 -11.64 16.38 3.75
N VAL A 383 -10.61 16.96 3.13
CA VAL A 383 -9.67 17.84 3.82
C VAL A 383 -9.57 19.18 3.09
N ASP A 384 -9.77 20.27 3.84
CA ASP A 384 -9.67 21.64 3.28
C ASP A 384 -8.19 21.94 3.45
N TYR A 385 -7.46 22.18 2.36
CA TYR A 385 -6.03 22.43 2.52
C TYR A 385 -5.65 23.82 3.04
N GLN A 386 -6.61 24.74 3.03
CA GLN A 386 -6.36 26.08 3.56
C GLN A 386 -6.61 26.10 5.05
N THR A 387 -7.60 25.32 5.47
CA THR A 387 -7.99 25.25 6.89
C THR A 387 -7.51 24.01 7.64
N PHE A 388 -7.41 22.90 6.91
CA PHE A 388 -7.03 21.60 7.47
C PHE A 388 -8.23 20.99 8.16
N GLU A 389 -9.40 21.52 7.80
CA GLU A 389 -10.66 21.03 8.35
C GLU A 389 -10.97 19.64 7.78
N ARG A 390 -11.40 18.76 8.65
CA ARG A 390 -11.77 17.40 8.25
C ARG A 390 -13.29 17.34 8.11
N ARG A 391 -13.78 17.08 6.91
CA ARG A 391 -15.22 16.96 6.77
C ARG A 391 -15.54 15.54 6.27
N PRO A 392 -16.03 14.66 7.15
CA PRO A 392 -16.37 13.29 6.76
C PRO A 392 -17.49 13.28 5.68
N ARG A 393 -17.35 12.41 4.67
CA ARG A 393 -18.33 12.33 3.58
C ARG A 393 -19.33 11.24 3.90
N LYS A 394 -20.41 11.17 3.13
CA LYS A 394 -21.42 10.14 3.37
C LYS A 394 -20.71 8.77 3.51
N SER A 395 -19.80 8.45 2.58
CA SER A 395 -19.08 7.16 2.62
C SER A 395 -18.46 6.85 3.98
N ALA A 396 -17.85 7.84 4.60
CA ALA A 396 -17.26 7.66 5.94
C ALA A 396 -18.28 7.08 6.96
N TYR A 397 -19.52 7.54 6.88
CA TYR A 397 -20.55 7.03 7.79
C TYR A 397 -21.05 5.64 7.37
N VAL A 398 -21.23 5.41 6.06
CA VAL A 398 -21.69 4.11 5.61
C VAL A 398 -20.64 3.10 6.04
N TYR A 399 -19.40 3.35 5.66
CA TYR A 399 -18.31 2.45 6.01
C TYR A 399 -18.20 2.33 7.54
N GLY A 400 -18.46 3.45 8.23
CA GLY A 400 -18.43 3.44 9.69
C GLY A 400 -19.46 2.46 10.25
N GLU A 401 -20.67 2.46 9.67
CA GLU A 401 -21.74 1.55 10.14
C GLU A 401 -21.32 0.11 9.89
N ILE A 402 -20.72 -0.13 8.72
CA ILE A 402 -20.25 -1.46 8.34
C ILE A 402 -19.21 -2.01 9.31
N ALA A 403 -18.22 -1.19 9.64
CA ALA A 403 -17.13 -1.60 10.53
C ALA A 403 -17.65 -1.88 11.94
N ARG A 404 -18.57 -1.03 12.37
CA ARG A 404 -19.14 -1.13 13.70
C ARG A 404 -20.03 -2.37 13.85
N SER A 405 -20.89 -2.60 12.89
CA SER A 405 -21.79 -3.75 12.94
C SER A 405 -21.20 -5.04 12.39
N LYS A 406 -20.08 -4.93 11.67
CA LYS A 406 -19.46 -6.13 11.10
C LYS A 406 -20.36 -6.73 10.04
N GLU A 407 -21.20 -5.91 9.42
CA GLU A 407 -22.09 -6.42 8.40
C GLU A 407 -22.56 -5.37 7.41
N ILE A 408 -22.87 -5.82 6.20
CA ILE A 408 -23.41 -4.92 5.21
C ILE A 408 -24.87 -5.28 5.21
N LYS A 409 -25.72 -4.31 5.50
CA LYS A 409 -27.12 -4.66 5.52
C LYS A 409 -27.92 -4.43 4.25
N ASP A 410 -28.95 -5.25 4.16
CA ASP A 410 -29.96 -5.26 3.12
C ASP A 410 -30.09 -3.99 2.30
N GLU A 411 -30.50 -2.91 2.99
CA GLU A 411 -30.74 -1.59 2.39
C GLU A 411 -29.56 -1.21 1.52
N LEU A 412 -28.37 -1.39 2.08
CA LEU A 412 -27.15 -1.07 1.36
C LEU A 412 -26.89 -2.04 0.18
N LEU A 413 -27.03 -3.35 0.40
CA LEU A 413 -26.80 -4.28 -0.69
C LEU A 413 -27.69 -3.94 -1.88
N LYS A 414 -28.99 -3.84 -1.64
CA LYS A 414 -29.91 -3.52 -2.72
C LYS A 414 -29.66 -2.18 -3.44
N ARG A 415 -29.25 -1.16 -2.69
CA ARG A 415 -29.00 0.15 -3.28
C ARG A 415 -27.69 0.24 -4.10
N TYR A 416 -26.63 -0.38 -3.60
CA TYR A 416 -25.33 -0.34 -4.27
C TYR A 416 -24.71 -1.66 -4.70
N GLY A 417 -24.99 -2.74 -3.96
CA GLY A 417 -24.40 -4.02 -4.28
C GLY A 417 -24.64 -4.58 -5.67
N LEU A 418 -23.98 -5.69 -5.96
CA LEU A 418 -24.16 -6.34 -7.24
C LEU A 418 -25.22 -7.42 -7.03
N PRO A 419 -26.13 -7.56 -8.00
CA PRO A 419 -27.20 -8.55 -7.94
C PRO A 419 -26.71 -9.98 -7.92
N GLU A 420 -26.20 -10.44 -9.07
CA GLU A 420 -25.71 -11.81 -9.28
C GLU A 420 -24.96 -12.42 -8.10
N LEU A 421 -25.19 -13.73 -7.90
CA LEU A 421 -24.57 -14.50 -6.81
C LEU A 421 -24.80 -13.78 -5.46
N GLN A 422 -25.78 -12.88 -5.46
CA GLN A 422 -26.14 -12.09 -4.29
C GLN A 422 -24.90 -11.67 -3.50
N LEU A 423 -24.75 -12.25 -2.31
CA LEU A 423 -23.63 -11.95 -1.40
C LEU A 423 -23.28 -10.47 -1.40
#